data_9HSM
#
_entry.id   9HSM
#
_cell.length_a   50.124
_cell.length_b   67.522
_cell.length_c   117.202
_cell.angle_alpha   90.000
_cell.angle_beta   90.000
_cell.angle_gamma   90.000
#
_symmetry.space_group_name_H-M   'I 2 2 2'
#
loop_
_entity.id
_entity.type
_entity.pdbx_description
1 polymer 'choline-phosphate cytidylyltransferase'
2 non-polymer BETA-MERCAPTOETHANOL
3 non-polymer "2-methyl-~{N}'-oxidanyl-propanimidamide"
4 water water
#
_entity_poly.entity_id   1
_entity_poly.type   'polypeptide(L)'
_entity_poly.pdbx_seq_one_letter_code
;GAMAVPDDDDDDDNSNDESEYESSQMDSEKNKGSIKNSKNVVIYADGVYDMLHLGHMKQLEQAKKLFENTTLIVGVTSDN
ETKLFKGQVVQTLEERTETLKHIRWVDEIISPCPWVVTPEFLEKYKIDYVAHDDIPYANNQKEDIYAWLKRAGKFKATQR
TEGVSTTDLIVRILKNYED
;
_entity_poly.pdbx_strand_id   A
#
# COMPACT_ATOMS: atom_id res chain seq x y z
N LYS A 39 -2.45 7.96 21.87
CA LYS A 39 -1.66 6.74 21.82
C LYS A 39 -1.86 6.06 20.47
N ASN A 40 -3.09 6.03 19.96
CA ASN A 40 -3.34 5.41 18.66
C ASN A 40 -2.86 6.32 17.54
N VAL A 41 -1.91 5.82 16.76
CA VAL A 41 -1.29 6.56 15.66
C VAL A 41 -1.90 6.09 14.35
N VAL A 42 -2.27 7.02 13.48
CA VAL A 42 -2.90 6.69 12.20
C VAL A 42 -1.83 6.59 11.12
N ILE A 43 -1.72 5.42 10.49
CA ILE A 43 -0.73 5.14 9.46
C ILE A 43 -1.46 5.02 8.12
N TYR A 44 -0.90 5.61 7.07
CA TYR A 44 -1.49 5.55 5.76
C TYR A 44 -0.50 4.94 4.78
N ALA A 45 -0.89 3.85 4.12
CA ALA A 45 -0.06 3.21 3.11
C ALA A 45 -0.85 3.11 1.81
N ASP A 46 -0.36 3.74 0.77
CA ASP A 46 -1.07 3.68 -0.50
C ASP A 46 -0.28 2.86 -1.51
N GLY A 47 -0.98 2.43 -2.54
CA GLY A 47 -0.32 1.69 -3.60
C GLY A 47 -1.36 1.20 -4.57
N VAL A 48 -0.89 0.54 -5.62
CA VAL A 48 -1.82 -0.06 -6.57
C VAL A 48 -2.39 -1.36 -6.02
N TYR A 49 -1.56 -2.17 -5.36
CA TYR A 49 -2.00 -3.46 -4.80
C TYR A 49 -2.64 -4.37 -5.85
N ASP A 50 -2.00 -4.46 -7.00
CA ASP A 50 -2.46 -5.37 -8.05
C ASP A 50 -1.94 -6.77 -7.74
N MET A 51 -2.82 -7.77 -7.85
CA MET A 51 -2.44 -9.18 -7.65
C MET A 51 -1.69 -9.37 -6.34
N LEU A 52 -2.35 -9.03 -5.24
CA LEU A 52 -1.73 -9.02 -3.93
C LEU A 52 -1.02 -10.34 -3.65
N HIS A 53 0.20 -10.25 -3.12
CA HIS A 53 0.91 -11.46 -2.73
C HIS A 53 1.66 -11.21 -1.42
N LEU A 54 2.44 -12.21 -1.00
CA LEU A 54 3.08 -12.18 0.31
C LEU A 54 3.92 -10.92 0.50
N GLY A 55 4.52 -10.44 -0.59
CA GLY A 55 5.30 -9.21 -0.50
C GLY A 55 4.48 -8.02 -0.03
N HIS A 56 3.29 -7.83 -0.62
CA HIS A 56 2.39 -6.78 -0.17
C HIS A 56 1.96 -7.02 1.27
N MET A 57 1.58 -8.25 1.59
CA MET A 57 1.07 -8.53 2.92
C MET A 57 2.11 -8.20 3.98
N LYS A 58 3.37 -8.59 3.74
CA LYS A 58 4.43 -8.30 4.71
C LYS A 58 4.65 -6.80 4.84
N GLN A 59 4.56 -6.07 3.72
CA GLN A 59 4.71 -4.62 3.78
C GLN A 59 3.61 -4.00 4.62
N LEU A 60 2.37 -4.46 4.44
CA LEU A 60 1.24 -3.98 5.23
C LEU A 60 1.39 -4.34 6.69
N GLU A 61 1.90 -5.55 6.98
CA GLU A 61 2.10 -5.92 8.37
C GLU A 61 3.12 -5.00 9.02
N GLN A 62 4.18 -4.66 8.28
CA GLN A 62 5.19 -3.75 8.78
C GLN A 62 4.61 -2.38 9.10
N ALA A 63 3.79 -1.84 8.17
CA ALA A 63 3.14 -0.56 8.42
C ALA A 63 2.28 -0.63 9.66
N LYS A 64 1.46 -1.68 9.77
CA LYS A 64 0.58 -1.84 10.93
C LYS A 64 1.37 -1.90 12.22
N LYS A 65 2.55 -2.50 12.19
CA LYS A 65 3.31 -2.71 13.42
C LYS A 65 4.42 -1.67 13.62
N LEU A 66 4.33 -0.51 12.99
CA LEU A 66 5.30 0.55 13.25
C LEU A 66 5.23 1.00 14.70
N PHE A 67 4.04 1.03 15.27
CA PHE A 67 3.85 1.48 16.65
C PHE A 67 2.93 0.49 17.37
N GLU A 68 2.86 0.62 18.70
CA GLU A 68 2.08 -0.33 19.50
C GLU A 68 0.60 -0.23 19.17
N ASN A 69 0.07 0.99 19.13
CA ASN A 69 -1.34 1.22 18.84
C ASN A 69 -1.44 2.03 17.56
N THR A 70 -1.97 1.41 16.51
CA THR A 70 -2.07 2.05 15.21
C THR A 70 -3.44 1.79 14.62
N THR A 71 -3.82 2.67 13.69
CA THR A 71 -4.88 2.41 12.72
C THR A 71 -4.22 2.45 11.36
N LEU A 72 -4.15 1.30 10.67
CA LEU A 72 -3.58 1.30 9.33
C LEU A 72 -4.69 1.57 8.33
N ILE A 73 -4.56 2.69 7.61
CA ILE A 73 -5.41 3.05 6.50
C ILE A 73 -4.65 2.74 5.21
N VAL A 74 -5.25 1.94 4.34
CA VAL A 74 -4.66 1.63 3.04
C VAL A 74 -5.43 2.41 1.98
N GLY A 75 -4.69 3.03 1.07
CA GLY A 75 -5.28 3.70 -0.10
C GLY A 75 -4.99 2.90 -1.35
N VAL A 76 -6.00 2.76 -2.21
CA VAL A 76 -5.93 1.92 -3.40
C VAL A 76 -6.16 2.79 -4.63
N THR A 77 -5.17 2.82 -5.53
CA THR A 77 -5.23 3.72 -6.67
C THR A 77 -6.36 3.32 -7.61
N SER A 78 -6.94 4.31 -8.28
CA SER A 78 -7.99 4.05 -9.26
C SER A 78 -7.43 3.34 -10.49
N ASP A 79 -8.32 2.63 -11.20
CA ASP A 79 -7.93 2.00 -12.45
C ASP A 79 -7.41 3.04 -13.43
N ASN A 80 -8.19 4.11 -13.64
CA ASN A 80 -7.83 5.12 -14.63
C ASN A 80 -6.44 5.69 -14.36
N GLU A 81 -6.21 6.14 -13.13
CA GLU A 81 -4.92 6.74 -12.82
C GLU A 81 -3.81 5.73 -12.92
N THR A 82 -4.02 4.52 -12.40
CA THR A 82 -3.00 3.49 -12.52
C THR A 82 -2.64 3.25 -13.99
N LYS A 83 -3.64 2.99 -14.83
CA LYS A 83 -3.34 2.82 -16.25
C LYS A 83 -2.57 4.01 -16.80
N LEU A 84 -2.99 5.22 -16.45
CA LEU A 84 -2.43 6.42 -17.06
C LEU A 84 -1.01 6.70 -16.57
N PHE A 85 -0.72 6.42 -15.30
CA PHE A 85 0.58 6.74 -14.72
C PHE A 85 1.48 5.53 -14.53
N LYS A 86 0.93 4.34 -14.40
CA LYS A 86 1.74 3.12 -14.35
C LYS A 86 1.63 2.27 -15.60
N GLY A 87 0.62 2.50 -16.44
CA GLY A 87 0.57 1.82 -17.73
C GLY A 87 -0.40 0.67 -17.82
N GLN A 88 -0.38 -0.21 -16.83
CA GLN A 88 -1.24 -1.38 -16.82
C GLN A 88 -1.92 -1.47 -15.47
N VAL A 89 -2.87 -2.40 -15.38
CA VAL A 89 -3.42 -2.84 -14.11
C VAL A 89 -4.26 -4.08 -14.39
N VAL A 90 -3.97 -5.18 -13.71
CA VAL A 90 -4.62 -6.44 -14.02
C VAL A 90 -6.00 -6.51 -13.38
N GLN A 91 -6.08 -6.22 -12.09
CA GLN A 91 -7.31 -6.29 -11.33
C GLN A 91 -7.97 -4.93 -11.21
N THR A 92 -9.30 -4.91 -11.34
CA THR A 92 -10.08 -3.70 -11.17
C THR A 92 -9.90 -3.16 -9.75
N LEU A 93 -10.30 -1.89 -9.57
CA LEU A 93 -10.29 -1.32 -8.23
C LEU A 93 -11.10 -2.18 -7.27
N GLU A 94 -12.30 -2.60 -7.70
CA GLU A 94 -13.15 -3.41 -6.83
C GLU A 94 -12.42 -4.67 -6.38
N GLU A 95 -11.74 -5.35 -7.31
CA GLU A 95 -11.07 -6.60 -6.99
C GLU A 95 -9.91 -6.37 -6.02
N ARG A 96 -9.10 -5.34 -6.29
CA ARG A 96 -7.92 -5.10 -5.47
C ARG A 96 -8.33 -4.64 -4.08
N THR A 97 -9.41 -3.89 -3.99
CA THR A 97 -9.91 -3.45 -2.70
C THR A 97 -10.52 -4.61 -1.93
N GLU A 98 -11.34 -5.41 -2.60
CA GLU A 98 -11.93 -6.56 -1.92
C GLU A 98 -10.84 -7.47 -1.33
N THR A 99 -9.77 -7.71 -2.09
CA THR A 99 -8.66 -8.51 -1.57
C THR A 99 -8.07 -7.91 -0.29
N LEU A 100 -7.79 -6.60 -0.31
CA LEU A 100 -7.21 -5.95 0.85
C LEU A 100 -8.12 -6.06 2.08
N LYS A 101 -9.44 -6.02 1.85
CA LYS A 101 -10.40 -6.21 2.94
C LYS A 101 -10.09 -7.44 3.76
N HIS A 102 -9.57 -8.51 3.14
CA HIS A 102 -9.32 -9.76 3.84
C HIS A 102 -7.99 -9.81 4.58
N ILE A 103 -7.15 -8.78 4.47
CA ILE A 103 -5.82 -8.81 5.05
C ILE A 103 -5.90 -8.29 6.48
N ARG A 104 -5.33 -9.06 7.41
CA ARG A 104 -5.48 -8.81 8.85
C ARG A 104 -5.07 -7.40 9.23
N TRP A 105 -4.00 -6.90 8.64
CA TRP A 105 -3.39 -5.65 9.08
C TRP A 105 -4.15 -4.42 8.64
N VAL A 106 -5.05 -4.55 7.68
CA VAL A 106 -5.75 -3.40 7.10
C VAL A 106 -6.91 -3.05 8.01
N ASP A 107 -6.88 -1.87 8.60
CA ASP A 107 -7.99 -1.46 9.44
C ASP A 107 -9.04 -0.67 8.66
N GLU A 108 -8.61 0.12 7.67
CA GLU A 108 -9.50 1.01 6.94
C GLU A 108 -8.96 1.16 5.52
N ILE A 109 -9.84 1.31 4.54
CA ILE A 109 -9.42 1.46 3.14
C ILE A 109 -10.03 2.72 2.56
N ILE A 110 -9.20 3.49 1.87
CA ILE A 110 -9.63 4.61 1.04
C ILE A 110 -9.50 4.13 -0.40
N SER A 111 -10.63 3.93 -1.06
CA SER A 111 -10.67 3.31 -2.38
C SER A 111 -11.73 3.94 -3.28
N PRO A 112 -11.33 4.72 -4.29
CA PRO A 112 -9.93 4.94 -4.66
C PRO A 112 -9.29 6.00 -3.80
N CYS A 113 -7.98 6.07 -3.79
CA CYS A 113 -7.23 7.09 -3.09
C CYS A 113 -6.69 8.11 -4.08
N PRO A 114 -6.27 9.29 -3.62
CA PRO A 114 -5.60 10.20 -4.54
C PRO A 114 -4.28 9.59 -5.00
N TRP A 115 -3.89 9.93 -6.22
CA TRP A 115 -2.60 9.45 -6.70
C TRP A 115 -1.47 10.06 -5.89
N VAL A 116 -1.58 11.34 -5.55
CA VAL A 116 -0.54 12.05 -4.80
C VAL A 116 -1.07 12.39 -3.41
N VAL A 117 -0.30 12.03 -2.39
CA VAL A 117 -0.59 12.50 -1.04
C VAL A 117 -0.29 13.98 -0.94
N THR A 118 -1.22 14.73 -0.37
CA THR A 118 -1.07 16.14 -0.09
C THR A 118 -1.18 16.40 1.40
N PRO A 119 -0.69 17.54 1.88
CA PRO A 119 -0.92 17.88 3.29
C PRO A 119 -2.40 17.98 3.63
N GLU A 120 -3.23 18.49 2.70
CA GLU A 120 -4.67 18.57 2.94
C GLU A 120 -5.27 17.20 3.21
N PHE A 121 -4.92 16.21 2.37
CA PHE A 121 -5.33 14.83 2.58
C PHE A 121 -4.95 14.33 3.97
N LEU A 122 -3.72 14.59 4.39
CA LEU A 122 -3.29 14.12 5.72
C LEU A 122 -4.16 14.72 6.81
N GLU A 123 -4.48 16.00 6.70
CA GLU A 123 -5.33 16.67 7.69
C GLU A 123 -6.74 16.11 7.65
N LYS A 124 -7.32 16.01 6.46
CA LYS A 124 -8.67 15.48 6.31
C LYS A 124 -8.84 14.14 7.03
N TYR A 125 -7.90 13.21 6.82
CA TYR A 125 -8.02 11.88 7.39
C TYR A 125 -7.24 11.71 8.70
N LYS A 126 -6.72 12.81 9.26
CA LYS A 126 -6.00 12.80 10.53
C LYS A 126 -4.92 11.72 10.52
N ILE A 127 -4.19 11.65 9.40
CA ILE A 127 -3.10 10.70 9.21
C ILE A 127 -1.84 11.22 9.90
N ASP A 128 -1.17 10.35 10.65
CA ASP A 128 0.04 10.75 11.37
C ASP A 128 1.31 10.42 10.60
N TYR A 129 1.32 9.29 9.88
CA TYR A 129 2.47 8.81 9.14
C TYR A 129 2.03 8.21 7.81
N VAL A 130 2.85 8.42 6.79
CA VAL A 130 2.71 7.74 5.51
C VAL A 130 3.75 6.64 5.49
N ALA A 131 3.32 5.41 5.22
CA ALA A 131 4.20 4.25 5.17
C ALA A 131 4.27 3.74 3.74
N HIS A 132 5.48 3.58 3.22
CA HIS A 132 5.68 3.24 1.83
C HIS A 132 7.13 2.81 1.66
N ASP A 133 7.38 1.96 0.67
CA ASP A 133 8.76 1.62 0.40
C ASP A 133 9.46 2.80 -0.27
N ASP A 134 10.78 2.81 -0.15
CA ASP A 134 11.62 3.94 -0.53
C ASP A 134 12.55 3.47 -1.65
N ILE A 135 12.11 3.62 -2.88
CA ILE A 135 12.89 3.17 -4.03
C ILE A 135 13.59 4.37 -4.67
N ASP A 144 13.02 12.78 -5.10
CA ASP A 144 12.51 12.16 -3.88
C ASP A 144 11.10 12.64 -3.57
N ILE A 145 10.10 11.92 -4.08
CA ILE A 145 8.70 12.32 -3.95
C ILE A 145 8.28 12.43 -2.49
N TYR A 146 9.06 11.87 -1.57
CA TYR A 146 8.71 11.80 -0.17
C TYR A 146 9.49 12.79 0.69
N ALA A 147 10.29 13.66 0.07
CA ALA A 147 11.10 14.60 0.84
C ALA A 147 10.26 15.39 1.83
N TRP A 148 9.12 15.93 1.37
CA TRP A 148 8.34 16.77 2.26
C TRP A 148 7.75 15.97 3.42
N LEU A 149 7.44 14.69 3.20
CA LEU A 149 6.97 13.88 4.34
C LEU A 149 8.09 13.65 5.34
N LYS A 150 9.29 13.32 4.85
CA LYS A 150 10.41 13.11 5.76
C LYS A 150 10.74 14.39 6.53
N ARG A 151 10.68 15.55 5.85
CA ARG A 151 10.99 16.82 6.50
C ARG A 151 10.05 17.10 7.65
N ALA A 152 8.83 16.58 7.57
CA ALA A 152 7.83 16.75 8.61
C ALA A 152 7.88 15.63 9.64
N GLY A 153 8.75 14.65 9.46
CA GLY A 153 8.79 13.50 10.33
C GLY A 153 7.61 12.57 10.14
N LYS A 154 6.93 12.63 9.00
CA LYS A 154 5.72 11.83 8.79
C LYS A 154 5.92 10.71 7.78
N PHE A 155 7.17 10.37 7.43
CA PHE A 155 7.45 9.26 6.53
C PHE A 155 8.03 8.08 7.30
N LYS A 156 7.42 6.91 7.13
CA LYS A 156 7.99 5.67 7.65
C LYS A 156 8.24 4.77 6.45
N ALA A 157 9.47 4.36 6.25
CA ALA A 157 9.81 3.52 5.13
C ALA A 157 9.51 2.05 5.45
N THR A 158 8.91 1.36 4.51
CA THR A 158 8.71 -0.07 4.60
C THR A 158 9.51 -0.74 3.49
N GLN A 159 9.96 -1.96 3.73
CA GLN A 159 10.83 -2.66 2.79
C GLN A 159 10.02 -3.63 1.93
N ARG A 160 10.22 -3.55 0.62
CA ARG A 160 9.84 -4.65 -0.25
C ARG A 160 10.58 -5.90 0.20
N THR A 161 9.85 -6.98 0.41
CA THR A 161 10.46 -8.19 0.93
C THR A 161 10.48 -9.25 -0.15
N GLU A 162 10.92 -10.44 0.23
CA GLU A 162 10.69 -11.61 -0.60
C GLU A 162 9.19 -11.84 -0.71
N GLY A 163 8.68 -11.77 -1.94
CA GLY A 163 7.28 -12.06 -2.18
C GLY A 163 7.13 -13.24 -3.12
N VAL A 164 6.31 -14.22 -2.73
CA VAL A 164 5.92 -15.27 -3.65
C VAL A 164 4.91 -14.67 -4.59
N SER A 165 5.37 -13.80 -5.49
CA SER A 165 4.46 -13.19 -6.44
C SER A 165 3.85 -14.26 -7.33
N THR A 166 2.65 -13.96 -7.84
CA THR A 166 2.04 -14.86 -8.80
C THR A 166 3.03 -15.26 -9.87
N THR A 167 3.90 -14.33 -10.29
CA THR A 167 4.91 -14.65 -11.28
C THR A 167 5.83 -15.77 -10.79
N ASP A 168 6.44 -15.57 -9.62
CA ASP A 168 7.33 -16.58 -9.07
C ASP A 168 6.65 -17.94 -9.00
N LEU A 169 5.34 -17.94 -8.72
CA LEU A 169 4.62 -19.19 -8.52
C LEU A 169 4.36 -19.90 -9.84
N ILE A 170 3.89 -19.15 -10.84
CA ILE A 170 3.66 -19.74 -12.15
C ILE A 170 4.97 -20.28 -12.72
N VAL A 171 6.07 -19.56 -12.48
CA VAL A 171 7.39 -20.07 -12.88
C VAL A 171 7.63 -21.43 -12.26
N ARG A 172 7.33 -21.55 -10.97
CA ARG A 172 7.52 -22.80 -10.27
C ARG A 172 6.69 -23.91 -10.91
N ILE A 173 5.46 -23.59 -11.30
CA ILE A 173 4.61 -24.61 -11.91
C ILE A 173 5.18 -25.05 -13.24
N LEU A 174 5.50 -24.08 -14.12
CA LEU A 174 5.91 -24.41 -15.47
C LEU A 174 7.24 -25.15 -15.49
N LYS A 175 8.14 -24.85 -14.54
CA LYS A 175 9.44 -25.52 -14.49
C LYS A 175 9.29 -27.04 -14.46
N ASN A 176 8.20 -27.56 -13.86
CA ASN A 176 7.95 -29.02 -13.87
C ASN A 176 7.59 -29.56 -15.27
N TYR A 177 7.66 -28.72 -16.29
CA TYR A 177 7.38 -29.13 -17.67
C TYR A 177 8.48 -28.65 -18.64
#